data_1VB8
#
_entry.id   1VB8
#
_entity_poly.entity_id   1
_entity_poly.type   'polypeptide(L)'
_entity_poly.pdbx_seq_one_letter_code
;CAESCVWIPCTVTALLGCSCSNKVCYNGIP
;
_entity_poly.pdbx_strand_id   A
#
# COMPACT_ATOMS: atom_id res chain seq x y z
N CYS A 1 1.28 -4.53 4.17
CA CYS A 1 2.32 -3.81 3.43
C CYS A 1 2.78 -2.58 4.20
N ALA A 2 4.09 -2.44 4.33
CA ALA A 2 4.67 -1.31 5.06
C ALA A 2 4.69 -0.05 4.19
N GLU A 3 3.52 0.35 3.72
CA GLU A 3 3.39 1.53 2.89
C GLU A 3 2.01 2.16 3.07
N SER A 4 1.97 3.36 3.59
CA SER A 4 0.72 4.07 3.81
C SER A 4 0.62 5.23 2.83
N CYS A 5 -0.39 5.20 1.97
CA CYS A 5 -0.59 6.23 0.97
C CYS A 5 -1.42 7.38 1.53
N VAL A 6 -0.98 7.92 2.66
CA VAL A 6 -1.66 9.04 3.29
C VAL A 6 -1.55 10.28 2.39
N TRP A 7 -0.36 10.48 1.87
CA TRP A 7 -0.09 11.59 0.97
C TRP A 7 0.40 11.04 -0.37
N ILE A 8 1.52 10.33 -0.32
CA ILE A 8 2.10 9.73 -1.51
C ILE A 8 1.61 8.29 -1.65
N PRO A 9 1.20 7.89 -2.87
CA PRO A 9 0.70 6.53 -3.13
C PRO A 9 1.79 5.48 -3.02
N CYS A 10 1.38 4.22 -2.89
CA CYS A 10 2.32 3.12 -2.79
C CYS A 10 3.14 2.98 -4.06
N THR A 11 4.44 2.82 -3.91
CA THR A 11 5.34 2.67 -5.03
C THR A 11 6.27 1.48 -4.83
N VAL A 12 6.59 1.19 -3.58
CA VAL A 12 7.47 0.08 -3.25
C VAL A 12 6.72 -1.25 -3.20
N THR A 13 5.66 -1.30 -2.43
CA THR A 13 4.87 -2.52 -2.30
C THR A 13 3.76 -2.58 -3.36
N ALA A 14 3.68 -1.55 -4.17
CA ALA A 14 2.67 -1.49 -5.22
C ALA A 14 2.89 -2.62 -6.23
N LEU A 15 4.15 -2.83 -6.60
CA LEU A 15 4.51 -3.88 -7.55
C LEU A 15 4.56 -5.25 -6.87
N LEU A 16 4.33 -5.27 -5.55
CA LEU A 16 4.35 -6.51 -4.80
C LEU A 16 2.93 -7.06 -4.65
N GLY A 17 1.96 -6.30 -5.12
CA GLY A 17 0.58 -6.73 -5.04
C GLY A 17 -0.14 -6.15 -3.84
N CYS A 18 0.01 -4.86 -3.62
CA CYS A 18 -0.64 -4.19 -2.51
C CYS A 18 -1.39 -2.97 -3.01
N SER A 19 -2.65 -2.85 -2.61
CA SER A 19 -3.47 -1.73 -3.03
C SER A 19 -3.83 -0.85 -1.86
N CYS A 20 -4.15 0.41 -2.15
CA CYS A 20 -4.51 1.38 -1.12
C CYS A 20 -5.95 1.15 -0.66
N SER A 21 -6.12 0.42 0.42
CA SER A 21 -7.45 0.13 0.94
C SER A 21 -8.05 1.37 1.60
N ASN A 22 -7.25 2.05 2.41
CA ASN A 22 -7.70 3.26 3.10
C ASN A 22 -6.51 4.07 3.60
N LYS A 23 -5.88 4.81 2.70
CA LYS A 23 -4.71 5.65 3.03
C LYS A 23 -3.50 4.80 3.41
N VAL A 24 -3.63 3.50 3.25
CA VAL A 24 -2.55 2.56 3.53
C VAL A 24 -2.71 1.33 2.66
N CYS A 25 -1.59 0.74 2.24
CA CYS A 25 -1.62 -0.43 1.39
C CYS A 25 -1.86 -1.67 2.23
N TYR A 26 -2.92 -2.40 1.91
CA TYR A 26 -3.27 -3.60 2.64
C TYR A 26 -4.00 -4.58 1.72
N ASN A 27 -3.26 -5.54 1.20
CA ASN A 27 -3.84 -6.54 0.31
C ASN A 27 -3.37 -7.92 0.73
N GLY A 28 -4.12 -8.54 1.63
CA GLY A 28 -3.77 -9.85 2.13
C GLY A 28 -2.72 -9.77 3.22
N ILE A 29 -1.58 -9.18 2.89
CA ILE A 29 -0.49 -9.02 3.84
C ILE A 29 -0.35 -7.56 4.24
N PRO A 30 0.20 -7.28 5.43
CA PRO A 30 0.38 -5.93 5.93
C PRO A 30 1.56 -5.24 5.25
N CYS A 1 1.48 -4.57 4.36
CA CYS A 1 2.50 -3.90 3.58
C CYS A 1 2.97 -2.64 4.30
N ALA A 2 4.28 -2.43 4.32
CA ALA A 2 4.87 -1.27 4.98
C ALA A 2 4.78 -0.02 4.10
N GLU A 3 3.57 0.30 3.67
CA GLU A 3 3.33 1.46 2.84
C GLU A 3 1.93 2.00 3.08
N SER A 4 1.83 3.31 3.20
CA SER A 4 0.55 3.96 3.43
C SER A 4 0.43 5.15 2.50
N CYS A 5 -0.66 5.23 1.76
CA CYS A 5 -0.87 6.31 0.80
C CYS A 5 -1.54 7.52 1.46
N VAL A 6 -1.21 7.76 2.72
CA VAL A 6 -1.74 8.91 3.44
C VAL A 6 -1.28 10.19 2.76
N TRP A 7 -0.03 10.19 2.34
CA TRP A 7 0.58 11.31 1.65
C TRP A 7 0.95 10.90 0.23
N ILE A 8 1.86 9.93 0.13
CA ILE A 8 2.32 9.43 -1.15
C ILE A 8 1.78 8.02 -1.40
N PRO A 9 1.29 7.74 -2.62
CA PRO A 9 0.73 6.43 -2.97
C PRO A 9 1.78 5.32 -2.97
N CYS A 10 1.33 4.07 -3.02
CA CYS A 10 2.20 2.92 -3.03
C CYS A 10 3.12 2.92 -4.23
N THR A 11 4.42 2.87 -3.98
CA THR A 11 5.41 2.86 -5.03
C THR A 11 6.40 1.70 -4.83
N VAL A 12 6.62 1.32 -3.58
CA VAL A 12 7.55 0.24 -3.26
C VAL A 12 6.84 -1.11 -3.22
N THR A 13 5.78 -1.21 -2.42
CA THR A 13 5.03 -2.45 -2.30
C THR A 13 3.91 -2.53 -3.33
N ALA A 14 3.90 -1.59 -4.26
CA ALA A 14 2.89 -1.56 -5.30
C ALA A 14 3.04 -2.79 -6.20
N LEU A 15 4.27 -3.24 -6.36
CA LEU A 15 4.58 -4.41 -7.17
C LEU A 15 4.10 -5.69 -6.49
N LEU A 16 3.74 -5.59 -5.22
CA LEU A 16 3.27 -6.74 -4.46
C LEU A 16 1.75 -6.80 -4.49
N GLY A 17 1.14 -5.89 -5.25
CA GLY A 17 -0.31 -5.85 -5.35
C GLY A 17 -0.96 -5.07 -4.24
N CYS A 18 -0.15 -4.58 -3.30
CA CYS A 18 -0.66 -3.81 -2.17
C CYS A 18 -1.32 -2.53 -2.67
N SER A 19 -2.64 -2.55 -2.69
CA SER A 19 -3.42 -1.41 -3.15
C SER A 19 -3.90 -0.58 -1.99
N CYS A 20 -4.28 0.66 -2.27
CA CYS A 20 -4.77 1.57 -1.25
C CYS A 20 -6.19 1.21 -0.83
N SER A 21 -6.31 0.38 0.20
CA SER A 21 -7.60 -0.03 0.70
C SER A 21 -8.28 1.12 1.44
N ASN A 22 -7.48 1.89 2.17
CA ASN A 22 -7.99 3.04 2.90
C ASN A 22 -6.83 3.91 3.38
N LYS A 23 -6.26 4.68 2.45
CA LYS A 23 -5.12 5.57 2.74
C LYS A 23 -3.87 4.78 3.11
N VAL A 24 -3.93 3.47 2.92
CA VAL A 24 -2.80 2.59 3.21
C VAL A 24 -2.85 1.39 2.27
N CYS A 25 -1.68 0.92 1.86
CA CYS A 25 -1.58 -0.21 0.96
C CYS A 25 -1.63 -1.53 1.71
N TYR A 26 -2.68 -2.30 1.46
CA TYR A 26 -2.85 -3.59 2.12
C TYR A 26 -3.30 -4.65 1.12
N ASN A 27 -2.56 -5.73 1.05
CA ASN A 27 -2.88 -6.84 0.15
C ASN A 27 -2.69 -8.16 0.86
N GLY A 28 -3.61 -8.48 1.75
CA GLY A 28 -3.52 -9.70 2.52
C GLY A 28 -2.54 -9.57 3.67
N ILE A 29 -1.30 -9.24 3.33
CA ILE A 29 -0.26 -9.05 4.32
C ILE A 29 -0.11 -7.57 4.64
N PRO A 30 0.42 -7.22 5.82
CA PRO A 30 0.60 -5.84 6.24
C PRO A 30 1.77 -5.17 5.51
N CYS A 1 1.23 -4.38 4.49
CA CYS A 1 2.35 -3.83 3.74
C CYS A 1 2.84 -2.54 4.39
N ALA A 2 4.16 -2.39 4.49
CA ALA A 2 4.77 -1.22 5.11
C ALA A 2 4.75 -0.01 4.17
N GLU A 3 3.56 0.37 3.72
CA GLU A 3 3.40 1.52 2.84
C GLU A 3 1.98 2.07 2.96
N SER A 4 1.88 3.26 3.52
CA SER A 4 0.60 3.91 3.70
C SER A 4 0.50 5.10 2.76
N CYS A 5 -0.53 5.10 1.91
CA CYS A 5 -0.73 6.18 0.94
C CYS A 5 -1.55 7.31 1.54
N VAL A 6 -1.14 7.77 2.72
CA VAL A 6 -1.82 8.86 3.39
C VAL A 6 -1.69 10.13 2.57
N TRP A 7 -0.46 10.41 2.15
CA TRP A 7 -0.17 11.58 1.33
C TRP A 7 0.46 11.13 0.01
N ILE A 8 1.52 10.34 0.13
CA ILE A 8 2.21 9.82 -1.04
C ILE A 8 1.79 8.38 -1.32
N PRO A 9 1.45 8.06 -2.58
CA PRO A 9 1.01 6.72 -2.97
C PRO A 9 2.14 5.69 -2.89
N CYS A 10 1.78 4.45 -2.61
CA CYS A 10 2.76 3.38 -2.50
C CYS A 10 3.38 3.08 -3.86
N THR A 11 4.66 2.73 -3.85
CA THR A 11 5.37 2.43 -5.08
C THR A 11 6.22 1.16 -4.92
N VAL A 12 6.60 0.84 -3.69
CA VAL A 12 7.42 -0.34 -3.43
C VAL A 12 6.58 -1.61 -3.40
N THR A 13 5.58 -1.64 -2.54
CA THR A 13 4.71 -2.81 -2.41
C THR A 13 3.55 -2.75 -3.38
N ALA A 14 3.43 -1.63 -4.09
CA ALA A 14 2.36 -1.45 -5.05
C ALA A 14 2.46 -2.49 -6.17
N LEU A 15 3.70 -2.75 -6.59
CA LEU A 15 3.94 -3.73 -7.65
C LEU A 15 3.86 -5.16 -7.10
N LEU A 16 3.67 -5.27 -5.79
CA LEU A 16 3.57 -6.56 -5.14
C LEU A 16 2.10 -6.91 -4.87
N GLY A 17 1.21 -6.03 -5.32
CA GLY A 17 -0.21 -6.26 -5.13
C GLY A 17 -0.82 -5.36 -4.08
N CYS A 18 0.00 -4.86 -3.17
CA CYS A 18 -0.46 -3.97 -2.11
C CYS A 18 -1.05 -2.69 -2.70
N SER A 19 -2.36 -2.58 -2.68
CA SER A 19 -3.05 -1.43 -3.23
C SER A 19 -3.66 -0.59 -2.11
N CYS A 20 -3.86 0.69 -2.39
CA CYS A 20 -4.44 1.62 -1.42
C CYS A 20 -5.88 1.24 -1.10
N SER A 21 -6.08 0.60 0.04
CA SER A 21 -7.42 0.20 0.45
C SER A 21 -8.09 1.32 1.21
N ASN A 22 -7.32 2.01 2.04
CA ASN A 22 -7.82 3.13 2.84
C ASN A 22 -6.66 3.94 3.40
N LYS A 23 -6.03 4.74 2.54
CA LYS A 23 -4.88 5.57 2.92
C LYS A 23 -3.66 4.72 3.27
N VAL A 24 -3.76 3.43 2.99
CA VAL A 24 -2.68 2.49 3.24
C VAL A 24 -2.79 1.33 2.27
N CYS A 25 -1.67 0.79 1.83
CA CYS A 25 -1.68 -0.31 0.88
C CYS A 25 -1.68 -1.65 1.61
N TYR A 26 -2.63 -2.50 1.25
CA TYR A 26 -2.76 -3.81 1.86
C TYR A 26 -2.93 -4.88 0.79
N ASN A 27 -2.44 -6.08 1.09
CA ASN A 27 -2.54 -7.22 0.18
C ASN A 27 -2.38 -8.50 0.98
N GLY A 28 -3.41 -8.85 1.73
CA GLY A 28 -3.37 -10.04 2.56
C GLY A 28 -2.63 -9.76 3.86
N ILE A 29 -1.40 -9.28 3.73
CA ILE A 29 -0.58 -8.95 4.88
C ILE A 29 -0.41 -7.44 4.97
N PRO A 30 -0.03 -6.92 6.15
CA PRO A 30 0.16 -5.48 6.36
C PRO A 30 1.41 -4.96 5.67
N CYS A 1 1.32 -4.36 4.14
CA CYS A 1 2.35 -3.64 3.40
C CYS A 1 2.77 -2.38 4.16
N ALA A 2 4.07 -2.22 4.35
CA ALA A 2 4.61 -1.07 5.07
C ALA A 2 4.65 0.18 4.21
N GLU A 3 3.48 0.56 3.70
CA GLU A 3 3.36 1.74 2.85
C GLU A 3 1.94 2.30 2.96
N SER A 4 1.83 3.62 3.07
CA SER A 4 0.54 4.27 3.19
C SER A 4 0.43 5.44 2.22
N CYS A 5 -0.62 5.43 1.41
CA CYS A 5 -0.86 6.46 0.41
C CYS A 5 -1.68 7.62 0.98
N VAL A 6 -1.45 7.95 2.24
CA VAL A 6 -2.15 9.07 2.87
C VAL A 6 -1.75 10.37 2.18
N TRP A 7 -0.53 10.40 1.70
CA TRP A 7 0.02 11.56 0.99
C TRP A 7 0.68 11.10 -0.30
N ILE A 8 1.48 10.06 -0.22
CA ILE A 8 2.17 9.51 -1.37
C ILE A 8 1.80 8.04 -1.57
N PRO A 9 1.38 7.66 -2.79
CA PRO A 9 0.98 6.29 -3.10
C PRO A 9 2.13 5.29 -2.96
N CYS A 10 1.78 4.05 -2.61
CA CYS A 10 2.76 2.98 -2.46
C CYS A 10 3.53 2.75 -3.75
N THR A 11 4.84 2.62 -3.63
CA THR A 11 5.69 2.39 -4.79
C THR A 11 6.58 1.17 -4.60
N VAL A 12 6.98 0.92 -3.35
CA VAL A 12 7.83 -0.22 -3.03
C VAL A 12 7.03 -1.52 -3.05
N THR A 13 5.94 -1.55 -2.30
CA THR A 13 5.10 -2.73 -2.23
C THR A 13 4.02 -2.71 -3.32
N ALA A 14 4.10 -1.72 -4.20
CA ALA A 14 3.15 -1.60 -5.29
C ALA A 14 3.28 -2.77 -6.25
N LEU A 15 4.50 -3.29 -6.38
CA LEU A 15 4.78 -4.42 -7.25
C LEU A 15 4.14 -5.70 -6.71
N LEU A 16 3.71 -5.65 -5.45
CA LEU A 16 3.07 -6.79 -4.82
C LEU A 16 1.55 -6.67 -4.91
N GLY A 17 1.09 -5.66 -5.64
CA GLY A 17 -0.33 -5.43 -5.80
C GLY A 17 -0.95 -4.74 -4.60
N CYS A 18 -0.11 -4.34 -3.65
CA CYS A 18 -0.57 -3.66 -2.46
C CYS A 18 -1.27 -2.36 -2.81
N SER A 19 -2.57 -2.32 -2.59
CA SER A 19 -3.35 -1.13 -2.88
C SER A 19 -3.85 -0.49 -1.59
N CYS A 20 -4.00 0.82 -1.60
CA CYS A 20 -4.45 1.56 -0.42
C CYS A 20 -5.95 1.33 -0.21
N SER A 21 -6.29 0.38 0.64
CA SER A 21 -7.68 0.07 0.93
C SER A 21 -8.29 1.15 1.81
N ASN A 22 -7.49 1.66 2.72
CA ASN A 22 -7.90 2.73 3.61
C ASN A 22 -6.70 3.59 3.93
N LYS A 23 -6.17 4.22 2.87
CA LYS A 23 -4.98 5.07 2.94
C LYS A 23 -3.74 4.20 2.90
N VAL A 24 -3.67 3.22 3.78
CA VAL A 24 -2.53 2.32 3.83
C VAL A 24 -2.77 1.11 2.91
N CYS A 25 -1.70 0.65 2.29
CA CYS A 25 -1.78 -0.47 1.37
C CYS A 25 -1.94 -1.78 2.13
N TYR A 26 -2.98 -2.52 1.80
CA TYR A 26 -3.26 -3.80 2.44
C TYR A 26 -3.73 -4.82 1.43
N ASN A 27 -2.81 -5.64 0.95
CA ASN A 27 -3.13 -6.68 -0.02
C ASN A 27 -2.82 -8.04 0.57
N GLY A 28 -3.69 -8.50 1.46
CA GLY A 28 -3.47 -9.78 2.12
C GLY A 28 -2.50 -9.65 3.27
N ILE A 29 -1.34 -9.12 2.97
CA ILE A 29 -0.29 -8.90 3.97
C ILE A 29 -0.21 -7.42 4.31
N PRO A 30 0.29 -7.09 5.51
CA PRO A 30 0.42 -5.70 5.94
C PRO A 30 1.59 -4.98 5.27
N CYS A 1 1.40 -4.97 4.30
CA CYS A 1 2.36 -4.15 3.57
C CYS A 1 2.74 -2.92 4.38
N ALA A 2 4.03 -2.76 4.64
CA ALA A 2 4.53 -1.64 5.42
C ALA A 2 4.65 -0.38 4.56
N GLU A 3 3.55 0.04 3.96
CA GLU A 3 3.52 1.24 3.14
C GLU A 3 2.16 1.91 3.21
N SER A 4 2.13 3.12 3.73
CA SER A 4 0.90 3.86 3.85
C SER A 4 0.91 5.01 2.85
N CYS A 5 -0.25 5.29 2.28
CA CYS A 5 -0.36 6.35 1.28
C CYS A 5 -0.65 7.70 1.94
N VAL A 6 -1.94 7.97 2.15
CA VAL A 6 -2.41 9.23 2.76
C VAL A 6 -2.21 10.41 1.81
N TRP A 7 -0.98 10.59 1.35
CA TRP A 7 -0.64 11.67 0.44
C TRP A 7 0.09 11.14 -0.80
N ILE A 8 0.95 10.16 -0.59
CA ILE A 8 1.71 9.58 -1.69
C ILE A 8 1.23 8.17 -2.01
N PRO A 9 1.26 7.78 -3.30
CA PRO A 9 0.82 6.45 -3.73
C PRO A 9 1.87 5.38 -3.44
N CYS A 10 1.42 4.13 -3.37
CA CYS A 10 2.30 3.01 -3.10
C CYS A 10 3.35 2.87 -4.19
N THR A 11 4.61 2.78 -3.80
CA THR A 11 5.70 2.64 -4.74
C THR A 11 6.55 1.41 -4.42
N VAL A 12 6.65 1.08 -3.14
CA VAL A 12 7.43 -0.07 -2.70
C VAL A 12 6.61 -1.35 -2.73
N THR A 13 5.43 -1.32 -2.14
CA THR A 13 4.57 -2.49 -2.09
C THR A 13 3.66 -2.56 -3.30
N ALA A 14 3.84 -1.62 -4.23
CA ALA A 14 3.03 -1.57 -5.45
C ALA A 14 3.25 -2.83 -6.28
N LEU A 15 4.49 -3.33 -6.26
CA LEU A 15 4.84 -4.53 -7.00
C LEU A 15 4.25 -5.78 -6.34
N LEU A 16 3.76 -5.61 -5.11
CA LEU A 16 3.17 -6.72 -4.38
C LEU A 16 1.64 -6.68 -4.51
N GLY A 17 1.15 -5.69 -5.23
CA GLY A 17 -0.28 -5.55 -5.44
C GLY A 17 -0.97 -4.81 -4.31
N CYS A 18 -0.20 -4.41 -3.30
CA CYS A 18 -0.75 -3.69 -2.16
C CYS A 18 -1.35 -2.36 -2.60
N SER A 19 -2.67 -2.28 -2.58
CA SER A 19 -3.37 -1.09 -2.98
C SER A 19 -3.85 -0.29 -1.78
N CYS A 20 -4.03 1.02 -1.97
CA CYS A 20 -4.49 1.90 -0.91
C CYS A 20 -5.93 1.59 -0.54
N SER A 21 -6.12 0.82 0.52
CA SER A 21 -7.44 0.43 0.98
C SER A 21 -8.06 1.54 1.83
N ASN A 22 -7.26 2.13 2.71
CA ASN A 22 -7.73 3.20 3.58
C ASN A 22 -6.57 4.07 4.03
N LYS A 23 -5.94 4.72 3.05
CA LYS A 23 -4.77 5.61 3.29
C LYS A 23 -3.52 4.78 3.54
N VAL A 24 -3.62 3.48 3.31
CA VAL A 24 -2.51 2.57 3.47
C VAL A 24 -2.65 1.43 2.47
N CYS A 25 -1.53 0.98 1.93
CA CYS A 25 -1.53 -0.08 0.94
C CYS A 25 -1.52 -1.45 1.60
N TYR A 26 -2.51 -2.26 1.26
CA TYR A 26 -2.63 -3.60 1.81
C TYR A 26 -3.07 -4.58 0.73
N ASN A 27 -2.63 -5.83 0.86
CA ASN A 27 -2.99 -6.86 -0.10
C ASN A 27 -2.76 -8.23 0.51
N GLY A 28 -3.66 -8.61 1.42
CA GLY A 28 -3.54 -9.90 2.09
C GLY A 28 -2.50 -9.84 3.20
N ILE A 29 -1.27 -9.52 2.82
CA ILE A 29 -0.18 -9.41 3.76
C ILE A 29 -0.09 -7.98 4.28
N PRO A 30 0.52 -7.78 5.46
CA PRO A 30 0.65 -6.45 6.07
C PRO A 30 1.75 -5.63 5.40
N CYS A 1 1.37 -4.82 4.26
CA CYS A 1 2.43 -4.10 3.57
C CYS A 1 2.84 -2.87 4.38
N ALA A 2 4.14 -2.77 4.66
CA ALA A 2 4.67 -1.66 5.45
C ALA A 2 4.82 -0.41 4.60
N GLU A 3 3.71 0.06 4.04
CA GLU A 3 3.71 1.25 3.20
C GLU A 3 2.34 1.93 3.28
N SER A 4 2.35 3.19 3.68
CA SER A 4 1.12 3.95 3.79
C SER A 4 1.16 5.12 2.81
N CYS A 5 0.10 5.30 2.06
CA CYS A 5 0.04 6.37 1.07
C CYS A 5 -0.51 7.65 1.69
N VAL A 6 -1.83 7.65 1.94
CA VAL A 6 -2.54 8.79 2.51
C VAL A 6 -2.64 9.93 1.51
N TRP A 7 -1.49 10.37 1.02
CA TRP A 7 -1.42 11.43 0.03
C TRP A 7 -0.64 10.97 -1.20
N ILE A 8 0.44 10.23 -0.98
CA ILE A 8 1.27 9.73 -2.06
C ILE A 8 1.24 8.20 -2.09
N PRO A 9 0.78 7.61 -3.20
CA PRO A 9 0.69 6.15 -3.36
C PRO A 9 2.02 5.43 -3.15
N CYS A 10 1.94 4.19 -2.67
CA CYS A 10 3.10 3.37 -2.42
C CYS A 10 3.89 3.08 -3.70
N THR A 11 5.15 2.71 -3.55
CA THR A 11 5.99 2.41 -4.70
C THR A 11 6.79 1.12 -4.51
N VAL A 12 7.06 0.76 -3.25
CA VAL A 12 7.83 -0.44 -2.96
C VAL A 12 6.97 -1.70 -3.03
N THR A 13 5.95 -1.77 -2.19
CA THR A 13 5.08 -2.93 -2.15
C THR A 13 3.92 -2.78 -3.13
N ALA A 14 3.92 -1.68 -3.87
CA ALA A 14 2.87 -1.43 -4.85
C ALA A 14 2.91 -2.48 -5.95
N LEU A 15 4.11 -2.95 -6.27
CA LEU A 15 4.30 -3.97 -7.31
C LEU A 15 3.78 -5.32 -6.83
N LEU A 16 3.49 -5.42 -5.53
CA LEU A 16 2.98 -6.66 -4.96
C LEU A 16 1.45 -6.61 -4.92
N GLY A 17 0.88 -5.58 -5.51
CA GLY A 17 -0.56 -5.43 -5.55
C GLY A 17 -1.08 -4.63 -4.37
N CYS A 18 -0.20 -4.33 -3.41
CA CYS A 18 -0.58 -3.57 -2.23
C CYS A 18 -1.05 -2.18 -2.62
N SER A 19 -2.36 -1.97 -2.51
CA SER A 19 -2.95 -0.70 -2.85
C SER A 19 -3.50 -0.03 -1.60
N CYS A 20 -3.73 1.28 -1.67
CA CYS A 20 -4.25 2.03 -0.53
C CYS A 20 -5.73 1.73 -0.30
N SER A 21 -6.01 0.59 0.32
CA SER A 21 -7.38 0.18 0.61
C SER A 21 -8.02 1.13 1.62
N ASN A 22 -7.21 1.59 2.56
CA ASN A 22 -7.67 2.51 3.59
C ASN A 22 -6.56 3.49 3.92
N LYS A 23 -6.10 4.20 2.88
CA LYS A 23 -5.01 5.17 2.99
C LYS A 23 -3.65 4.46 3.00
N VAL A 24 -3.60 3.33 3.68
CA VAL A 24 -2.38 2.53 3.76
C VAL A 24 -2.50 1.35 2.78
N CYS A 25 -1.38 0.92 2.24
CA CYS A 25 -1.36 -0.18 1.28
C CYS A 25 -1.57 -1.52 1.99
N TYR A 26 -2.66 -2.19 1.66
CA TYR A 26 -2.97 -3.48 2.25
C TYR A 26 -3.53 -4.43 1.20
N ASN A 27 -2.79 -5.50 0.94
CA ASN A 27 -3.21 -6.50 -0.04
C ASN A 27 -2.99 -7.89 0.53
N GLY A 28 -3.90 -8.31 1.41
CA GLY A 28 -3.77 -9.62 2.04
C GLY A 28 -2.77 -9.58 3.18
N ILE A 29 -1.54 -9.27 2.83
CA ILE A 29 -0.47 -9.17 3.82
C ILE A 29 -0.31 -7.72 4.28
N PRO A 30 0.22 -7.50 5.48
CA PRO A 30 0.41 -6.16 6.03
C PRO A 30 1.60 -5.45 5.41
N CYS A 1 1.42 -4.19 4.42
CA CYS A 1 2.53 -3.69 3.62
C CYS A 1 3.10 -2.42 4.26
N ALA A 2 4.42 -2.28 4.19
CA ALA A 2 5.10 -1.12 4.75
C ALA A 2 4.97 0.11 3.86
N GLU A 3 3.74 0.45 3.54
CA GLU A 3 3.45 1.61 2.70
C GLU A 3 1.99 2.03 2.91
N SER A 4 1.76 3.32 2.85
CA SER A 4 0.41 3.85 3.02
C SER A 4 0.26 5.10 2.18
N CYS A 5 -0.94 5.30 1.64
CA CYS A 5 -1.23 6.44 0.79
C CYS A 5 -1.65 7.65 1.62
N VAL A 6 -1.41 7.59 2.92
CA VAL A 6 -1.74 8.70 3.81
C VAL A 6 -0.89 9.91 3.41
N TRP A 7 0.36 9.63 3.07
CA TRP A 7 1.29 10.66 2.63
C TRP A 7 1.50 10.58 1.12
N ILE A 8 2.07 9.47 0.67
CA ILE A 8 2.32 9.26 -0.75
C ILE A 8 1.66 7.96 -1.23
N PRO A 9 1.42 7.81 -2.54
CA PRO A 9 0.78 6.61 -3.10
C PRO A 9 1.70 5.39 -3.08
N CYS A 10 1.11 4.20 -3.20
CA CYS A 10 1.88 2.96 -3.20
C CYS A 10 2.79 2.89 -4.41
N THR A 11 4.10 2.91 -4.16
CA THR A 11 5.08 2.84 -5.21
C THR A 11 6.06 1.71 -4.96
N VAL A 12 6.34 1.44 -3.69
CA VAL A 12 7.27 0.37 -3.31
C VAL A 12 6.55 -0.97 -3.20
N THR A 13 5.41 -0.99 -2.52
CA THR A 13 4.66 -2.23 -2.34
C THR A 13 3.67 -2.45 -3.48
N ALA A 14 3.69 -1.55 -4.46
CA ALA A 14 2.80 -1.67 -5.62
C ALA A 14 3.07 -2.94 -6.39
N LEU A 15 4.35 -3.32 -6.46
CA LEU A 15 4.75 -4.53 -7.17
C LEU A 15 4.46 -5.78 -6.34
N LEU A 16 3.98 -5.56 -5.12
CA LEU A 16 3.65 -6.66 -4.22
C LEU A 16 2.14 -6.93 -4.24
N GLY A 17 1.42 -6.11 -5.01
CA GLY A 17 -0.02 -6.26 -5.10
C GLY A 17 -0.75 -5.47 -4.05
N CYS A 18 0.01 -4.77 -3.20
CA CYS A 18 -0.57 -3.97 -2.13
C CYS A 18 -1.39 -2.82 -2.72
N SER A 19 -2.70 -2.96 -2.68
CA SER A 19 -3.59 -1.95 -3.20
C SER A 19 -3.97 -0.94 -2.13
N CYS A 20 -4.23 0.29 -2.55
CA CYS A 20 -4.60 1.36 -1.63
C CYS A 20 -6.04 1.21 -1.17
N SER A 21 -6.22 0.87 0.10
CA SER A 21 -7.55 0.72 0.67
C SER A 21 -7.95 2.02 1.37
N ASN A 22 -7.85 2.03 2.70
CA ASN A 22 -8.18 3.23 3.46
C ASN A 22 -6.94 4.11 3.61
N LYS A 23 -6.42 4.55 2.46
CA LYS A 23 -5.22 5.39 2.40
C LYS A 23 -4.00 4.62 2.89
N VAL A 24 -4.00 3.32 2.63
CA VAL A 24 -2.89 2.44 3.00
C VAL A 24 -2.83 1.27 2.03
N CYS A 25 -1.62 0.81 1.73
CA CYS A 25 -1.44 -0.30 0.81
C CYS A 25 -1.54 -1.63 1.53
N TYR A 26 -2.50 -2.45 1.11
CA TYR A 26 -2.72 -3.76 1.71
C TYR A 26 -2.91 -4.81 0.64
N ASN A 27 -2.33 -5.98 0.86
CA ASN A 27 -2.42 -7.09 -0.10
C ASN A 27 -2.75 -8.39 0.64
N GLY A 28 -3.32 -8.23 1.82
CA GLY A 28 -3.63 -9.37 2.66
C GLY A 28 -2.75 -9.34 3.87
N ILE A 29 -1.56 -8.79 3.67
CA ILE A 29 -0.58 -8.63 4.72
C ILE A 29 -0.28 -7.14 4.87
N PRO A 30 0.10 -6.69 6.08
CA PRO A 30 0.37 -5.26 6.32
C PRO A 30 1.63 -4.79 5.59
N CYS A 1 1.22 -4.43 4.41
CA CYS A 1 2.43 -4.02 3.72
C CYS A 1 3.07 -2.86 4.45
N ALA A 2 4.40 -2.84 4.49
CA ALA A 2 5.14 -1.77 5.16
C ALA A 2 5.19 -0.51 4.31
N GLU A 3 4.03 -0.03 3.90
CA GLU A 3 3.93 1.16 3.07
C GLU A 3 2.54 1.78 3.21
N SER A 4 2.49 3.03 3.60
CA SER A 4 1.24 3.75 3.75
C SER A 4 1.25 4.96 2.82
N CYS A 5 0.17 5.13 2.07
CA CYS A 5 0.08 6.23 1.13
C CYS A 5 -0.50 7.47 1.80
N VAL A 6 -1.80 7.41 2.12
CA VAL A 6 -2.53 8.50 2.76
C VAL A 6 -2.73 9.66 1.77
N TRP A 7 -1.63 10.15 1.24
CA TRP A 7 -1.64 11.24 0.27
C TRP A 7 -0.88 10.86 -0.99
N ILE A 8 0.24 10.16 -0.81
CA ILE A 8 1.06 9.73 -1.93
C ILE A 8 1.06 8.21 -2.05
N PRO A 9 0.66 7.68 -3.22
CA PRO A 9 0.59 6.23 -3.46
C PRO A 9 1.93 5.51 -3.26
N CYS A 10 1.84 4.26 -2.83
CA CYS A 10 3.02 3.43 -2.59
C CYS A 10 3.80 3.18 -3.87
N THR A 11 5.07 2.84 -3.73
CA THR A 11 5.92 2.59 -4.88
C THR A 11 6.76 1.33 -4.70
N VAL A 12 7.04 0.96 -3.46
CA VAL A 12 7.85 -0.22 -3.18
C VAL A 12 7.04 -1.51 -3.20
N THR A 13 6.05 -1.59 -2.33
CA THR A 13 5.21 -2.78 -2.23
C THR A 13 4.01 -2.69 -3.17
N ALA A 14 3.93 -1.59 -3.92
CA ALA A 14 2.83 -1.39 -4.86
C ALA A 14 2.85 -2.46 -5.94
N LEU A 15 4.06 -2.90 -6.29
CA LEU A 15 4.24 -3.94 -7.31
C LEU A 15 3.86 -5.31 -6.77
N LEU A 16 3.58 -5.38 -5.47
CA LEU A 16 3.21 -6.64 -4.83
C LEU A 16 1.69 -6.72 -4.70
N GLY A 17 1.00 -5.76 -5.30
CA GLY A 17 -0.44 -5.74 -5.26
C GLY A 17 -0.98 -4.86 -4.14
N CYS A 18 -0.08 -4.43 -3.26
CA CYS A 18 -0.46 -3.58 -2.13
C CYS A 18 -1.03 -2.26 -2.63
N SER A 19 -2.33 -2.09 -2.45
CA SER A 19 -3.00 -0.87 -2.88
C SER A 19 -3.57 -0.14 -1.67
N CYS A 20 -3.74 1.17 -1.79
CA CYS A 20 -4.25 1.98 -0.69
C CYS A 20 -5.75 1.71 -0.47
N SER A 21 -6.05 0.68 0.29
CA SER A 21 -7.43 0.31 0.57
C SER A 21 -8.02 1.26 1.62
N ASN A 22 -7.18 1.69 2.55
CA ASN A 22 -7.59 2.61 3.60
C ASN A 22 -6.41 3.44 4.03
N LYS A 23 -5.89 4.22 3.08
CA LYS A 23 -4.72 5.09 3.28
C LYS A 23 -3.43 4.29 3.20
N VAL A 24 -3.41 3.15 3.86
CA VAL A 24 -2.23 2.29 3.86
C VAL A 24 -2.40 1.20 2.80
N CYS A 25 -1.29 0.75 2.21
CA CYS A 25 -1.32 -0.26 1.18
C CYS A 25 -1.54 -1.65 1.77
N TYR A 26 -2.55 -2.34 1.25
CA TYR A 26 -2.89 -3.67 1.70
C TYR A 26 -3.14 -4.58 0.51
N ASN A 27 -2.63 -5.80 0.58
CA ASN A 27 -2.81 -6.78 -0.50
C ASN A 27 -3.22 -8.13 0.08
N GLY A 28 -3.65 -8.08 1.33
CA GLY A 28 -4.05 -9.28 2.04
C GLY A 28 -3.35 -9.30 3.38
N ILE A 29 -2.10 -8.83 3.35
CA ILE A 29 -1.29 -8.73 4.54
C ILE A 29 -0.88 -7.27 4.71
N PRO A 30 -0.48 -6.86 5.92
CA PRO A 30 -0.08 -5.47 6.17
C PRO A 30 1.26 -5.12 5.55
N CYS A 1 1.41 -4.32 4.41
CA CYS A 1 2.47 -3.74 3.60
C CYS A 1 3.00 -2.47 4.27
N ALA A 2 4.31 -2.31 4.26
CA ALA A 2 4.95 -1.15 4.87
C ALA A 2 4.85 0.08 3.97
N GLU A 3 3.63 0.46 3.65
CA GLU A 3 3.38 1.62 2.81
C GLU A 3 1.96 2.14 3.04
N SER A 4 1.81 3.45 3.11
CA SER A 4 0.51 4.06 3.33
C SER A 4 0.36 5.27 2.42
N CYS A 5 -0.80 5.39 1.79
CA CYS A 5 -1.07 6.49 0.87
C CYS A 5 -1.62 7.72 1.56
N VAL A 6 -1.37 7.84 2.87
CA VAL A 6 -1.83 9.00 3.63
C VAL A 6 -1.03 10.22 3.22
N TRP A 7 0.16 9.97 2.68
CA TRP A 7 1.04 11.04 2.24
C TRP A 7 1.49 10.80 0.80
N ILE A 8 2.00 9.60 0.54
CA ILE A 8 2.47 9.24 -0.79
C ILE A 8 1.81 7.96 -1.26
N PRO A 9 1.58 7.80 -2.57
CA PRO A 9 0.95 6.61 -3.14
C PRO A 9 1.88 5.40 -3.09
N CYS A 10 1.29 4.21 -3.13
CA CYS A 10 2.05 2.97 -3.09
C CYS A 10 2.97 2.85 -4.30
N THR A 11 4.27 2.80 -4.05
CA THR A 11 5.24 2.68 -5.11
C THR A 11 6.17 1.48 -4.87
N VAL A 12 6.42 1.19 -3.60
CA VAL A 12 7.29 0.09 -3.23
C VAL A 12 6.51 -1.22 -3.13
N THR A 13 5.39 -1.20 -2.43
CA THR A 13 4.60 -2.41 -2.25
C THR A 13 3.57 -2.56 -3.37
N ALA A 14 3.51 -1.56 -4.25
CA ALA A 14 2.58 -1.59 -5.38
C ALA A 14 2.86 -2.77 -6.28
N LEU A 15 4.15 -3.08 -6.45
CA LEU A 15 4.56 -4.20 -7.29
C LEU A 15 4.23 -5.53 -6.63
N LEU A 16 3.88 -5.47 -5.36
CA LEU A 16 3.53 -6.68 -4.60
C LEU A 16 2.01 -6.86 -4.58
N GLY A 17 1.30 -5.99 -5.29
CA GLY A 17 -0.14 -6.06 -5.34
C GLY A 17 -0.83 -5.27 -4.24
N CYS A 18 -0.03 -4.72 -3.33
CA CYS A 18 -0.58 -3.94 -2.22
C CYS A 18 -1.29 -2.69 -2.74
N SER A 19 -2.61 -2.75 -2.77
CA SER A 19 -3.41 -1.64 -3.25
C SER A 19 -3.87 -0.76 -2.09
N CYS A 20 -4.18 0.49 -2.38
CA CYS A 20 -4.64 1.43 -1.38
C CYS A 20 -6.09 1.15 -1.01
N SER A 21 -6.29 0.42 0.07
CA SER A 21 -7.63 0.07 0.51
C SER A 21 -8.30 1.25 1.21
N ASN A 22 -7.56 1.93 2.07
CA ASN A 22 -8.08 3.08 2.81
C ASN A 22 -6.94 3.98 3.25
N LYS A 23 -6.27 4.60 2.27
CA LYS A 23 -5.14 5.50 2.51
C LYS A 23 -3.92 4.71 2.94
N VAL A 24 -3.96 3.41 2.75
CA VAL A 24 -2.86 2.53 3.09
C VAL A 24 -2.88 1.32 2.17
N CYS A 25 -1.69 0.88 1.76
CA CYS A 25 -1.57 -0.27 0.87
C CYS A 25 -1.65 -1.57 1.66
N TYR A 26 -2.66 -2.37 1.36
CA TYR A 26 -2.86 -3.63 2.04
C TYR A 26 -3.22 -4.74 1.07
N ASN A 27 -2.45 -5.81 1.10
CA ASN A 27 -2.69 -6.96 0.23
C ASN A 27 -2.55 -8.23 1.04
N GLY A 28 -3.49 -8.44 1.96
CA GLY A 28 -3.46 -9.61 2.82
C GLY A 28 -2.47 -9.43 3.96
N ILE A 29 -1.22 -9.22 3.60
CA ILE A 29 -0.15 -9.01 4.56
C ILE A 29 0.08 -7.51 4.72
N PRO A 30 0.24 -7.02 5.96
CA PRO A 30 0.46 -5.60 6.24
C PRO A 30 1.67 -5.04 5.49
N CYS A 1 1.49 -4.45 4.27
CA CYS A 1 2.58 -3.85 3.53
C CYS A 1 3.11 -2.62 4.26
N ALA A 2 4.42 -2.44 4.21
CA ALA A 2 5.05 -1.29 4.86
C ALA A 2 4.94 -0.02 4.03
N GLU A 3 3.71 0.33 3.68
CA GLU A 3 3.44 1.51 2.88
C GLU A 3 2.02 1.99 3.13
N SER A 4 1.87 3.29 3.32
CA SER A 4 0.55 3.86 3.57
C SER A 4 0.24 4.93 2.52
N CYS A 5 -0.93 4.83 1.92
CA CYS A 5 -1.36 5.79 0.90
C CYS A 5 -2.06 6.99 1.52
N VAL A 6 -1.43 7.58 2.51
CA VAL A 6 -1.97 8.75 3.19
C VAL A 6 -1.88 9.97 2.28
N TRP A 7 -0.66 10.39 1.99
CA TRP A 7 -0.42 11.52 1.11
C TRP A 7 0.55 11.15 -0.01
N ILE A 8 0.86 9.86 -0.10
CA ILE A 8 1.75 9.34 -1.13
C ILE A 8 1.22 8.00 -1.62
N PRO A 9 1.50 7.63 -2.88
CA PRO A 9 1.06 6.38 -3.45
C PRO A 9 2.10 5.26 -3.25
N CYS A 10 1.62 4.03 -3.18
CA CYS A 10 2.51 2.88 -3.00
C CYS A 10 3.45 2.73 -4.18
N THR A 11 4.74 2.64 -3.90
CA THR A 11 5.73 2.50 -4.94
C THR A 11 6.64 1.31 -4.68
N VAL A 12 6.91 1.04 -3.41
CA VAL A 12 7.77 -0.08 -3.02
C VAL A 12 7.00 -1.40 -3.04
N THR A 13 5.91 -1.45 -2.29
CA THR A 13 5.10 -2.66 -2.22
C THR A 13 4.02 -2.66 -3.30
N ALA A 14 4.12 -1.72 -4.24
CA ALA A 14 3.16 -1.63 -5.33
C ALA A 14 3.23 -2.86 -6.22
N LEU A 15 4.44 -3.39 -6.38
CA LEU A 15 4.67 -4.58 -7.19
C LEU A 15 4.08 -5.82 -6.53
N LEU A 16 3.69 -5.68 -5.26
CA LEU A 16 3.10 -6.78 -4.52
C LEU A 16 1.59 -6.73 -4.58
N GLY A 17 1.07 -5.75 -5.33
CA GLY A 17 -0.36 -5.59 -5.47
C GLY A 17 -0.99 -4.82 -4.33
N CYS A 18 -0.15 -4.38 -3.39
CA CYS A 18 -0.62 -3.61 -2.25
C CYS A 18 -1.25 -2.29 -2.69
N SER A 19 -2.57 -2.25 -2.68
CA SER A 19 -3.30 -1.06 -3.10
C SER A 19 -3.72 -0.23 -1.88
N CYS A 20 -4.00 1.04 -2.11
CA CYS A 20 -4.42 1.94 -1.05
C CYS A 20 -5.87 1.70 -0.66
N SER A 21 -6.10 0.70 0.17
CA SER A 21 -7.44 0.35 0.62
C SER A 21 -8.02 1.45 1.51
N ASN A 22 -7.37 1.71 2.64
CA ASN A 22 -7.84 2.73 3.57
C ASN A 22 -6.69 3.66 3.95
N LYS A 23 -6.22 4.44 2.97
CA LYS A 23 -5.10 5.38 3.18
C LYS A 23 -3.82 4.64 3.51
N VAL A 24 -3.81 3.35 3.24
CA VAL A 24 -2.65 2.49 3.48
C VAL A 24 -2.66 1.36 2.47
N CYS A 25 -1.50 0.93 2.02
CA CYS A 25 -1.40 -0.14 1.06
C CYS A 25 -1.53 -1.48 1.76
N TYR A 26 -2.64 -2.16 1.50
CA TYR A 26 -2.90 -3.44 2.14
C TYR A 26 -3.41 -4.45 1.12
N ASN A 27 -2.67 -5.52 0.95
CA ASN A 27 -3.05 -6.59 0.03
C ASN A 27 -2.92 -7.94 0.74
N GLY A 28 -3.79 -8.17 1.70
CA GLY A 28 -3.75 -9.39 2.47
C GLY A 28 -2.71 -9.32 3.57
N ILE A 29 -1.47 -9.14 3.16
CA ILE A 29 -0.35 -9.01 4.08
C ILE A 29 -0.08 -7.53 4.37
N PRO A 30 0.19 -7.17 5.63
CA PRO A 30 0.45 -5.78 6.01
C PRO A 30 1.70 -5.22 5.34
N CYS A 1 1.18 -4.13 4.29
CA CYS A 1 2.28 -3.49 3.59
C CYS A 1 2.68 -2.19 4.27
N ALA A 2 3.98 -1.95 4.36
CA ALA A 2 4.50 -0.74 4.99
C ALA A 2 4.46 0.45 4.05
N GLU A 3 3.28 0.80 3.59
CA GLU A 3 3.09 1.92 2.69
C GLU A 3 1.70 2.52 2.88
N SER A 4 1.62 3.83 2.97
CA SER A 4 0.34 4.51 3.14
C SER A 4 0.14 5.50 2.01
N CYS A 5 -1.06 5.56 1.46
CA CYS A 5 -1.36 6.45 0.34
C CYS A 5 -1.75 7.84 0.81
N VAL A 6 -1.95 8.02 2.11
CA VAL A 6 -2.29 9.33 2.64
C VAL A 6 -1.06 10.23 2.62
N TRP A 7 0.08 9.60 2.39
CA TRP A 7 1.35 10.30 2.32
C TRP A 7 1.90 10.27 0.91
N ILE A 8 2.03 9.05 0.36
CA ILE A 8 2.53 8.85 -0.99
C ILE A 8 1.90 7.60 -1.60
N PRO A 9 1.69 7.59 -2.93
CA PRO A 9 1.10 6.43 -3.61
C PRO A 9 2.01 5.20 -3.50
N CYS A 10 1.41 4.03 -3.39
CA CYS A 10 2.16 2.79 -3.27
C CYS A 10 3.10 2.61 -4.47
N THR A 11 4.39 2.61 -4.20
CA THR A 11 5.39 2.45 -5.24
C THR A 11 6.37 1.34 -4.87
N VAL A 12 6.65 1.20 -3.58
CA VAL A 12 7.56 0.19 -3.09
C VAL A 12 6.89 -1.18 -3.06
N THR A 13 5.77 -1.26 -2.36
CA THR A 13 5.04 -2.52 -2.26
C THR A 13 4.00 -2.64 -3.37
N ALA A 14 4.08 -1.73 -4.35
CA ALA A 14 3.18 -1.74 -5.49
C ALA A 14 3.38 -3.00 -6.32
N LEU A 15 4.62 -3.48 -6.35
CA LEU A 15 4.97 -4.69 -7.10
C LEU A 15 4.31 -5.92 -6.49
N LEU A 16 3.84 -5.78 -5.25
CA LEU A 16 3.18 -6.87 -4.56
C LEU A 16 1.67 -6.75 -4.66
N GLY A 17 1.22 -5.74 -5.41
CA GLY A 17 -0.21 -5.51 -5.58
C GLY A 17 -0.84 -4.78 -4.41
N CYS A 18 -0.01 -4.32 -3.48
CA CYS A 18 -0.49 -3.60 -2.32
C CYS A 18 -1.13 -2.27 -2.73
N SER A 19 -2.45 -2.23 -2.72
CA SER A 19 -3.19 -1.03 -3.10
C SER A 19 -3.74 -0.35 -1.85
N CYS A 20 -3.73 0.98 -1.84
CA CYS A 20 -4.22 1.74 -0.70
C CYS A 20 -5.72 1.55 -0.51
N SER A 21 -6.09 0.68 0.41
CA SER A 21 -7.48 0.40 0.70
C SER A 21 -7.93 1.23 1.90
N ASN A 22 -7.45 0.86 3.07
CA ASN A 22 -7.79 1.60 4.29
C ASN A 22 -6.75 2.68 4.52
N LYS A 23 -6.65 3.59 3.56
CA LYS A 23 -5.70 4.71 3.59
C LYS A 23 -4.27 4.22 3.29
N VAL A 24 -3.92 3.07 3.84
CA VAL A 24 -2.60 2.49 3.61
C VAL A 24 -2.74 1.34 2.61
N CYS A 25 -1.66 1.05 1.90
CA CYS A 25 -1.65 -0.02 0.91
C CYS A 25 -1.75 -1.38 1.59
N TYR A 26 -2.79 -2.12 1.24
CA TYR A 26 -3.01 -3.43 1.82
C TYR A 26 -3.28 -4.46 0.73
N ASN A 27 -2.81 -5.68 0.95
CA ASN A 27 -3.01 -6.77 0.00
C ASN A 27 -2.70 -8.09 0.69
N GLY A 28 -3.62 -8.51 1.56
CA GLY A 28 -3.43 -9.73 2.30
C GLY A 28 -2.55 -9.52 3.52
N ILE A 29 -1.35 -9.03 3.27
CA ILE A 29 -0.39 -8.74 4.32
C ILE A 29 -0.30 -7.22 4.53
N PRO A 30 -0.03 -6.77 5.76
CA PRO A 30 0.08 -5.34 6.08
C PRO A 30 1.33 -4.73 5.47
N CYS A 1 1.18 -4.61 4.45
CA CYS A 1 2.27 -3.96 3.73
C CYS A 1 2.71 -2.71 4.46
N ALA A 2 4.02 -2.58 4.66
CA ALA A 2 4.58 -1.43 5.36
C ALA A 2 4.64 -0.19 4.46
N GLU A 3 3.50 0.18 3.91
CA GLU A 3 3.40 1.35 3.05
C GLU A 3 2.02 1.98 3.17
N SER A 4 1.97 3.15 3.77
CA SER A 4 0.72 3.85 3.96
C SER A 4 0.70 5.09 3.08
N CYS A 5 -0.25 5.12 2.14
CA CYS A 5 -0.36 6.25 1.23
C CYS A 5 -1.24 7.34 1.83
N VAL A 6 -0.72 7.99 2.86
CA VAL A 6 -1.45 9.06 3.54
C VAL A 6 -1.66 10.23 2.58
N TRP A 7 -0.65 10.51 1.78
CA TRP A 7 -0.71 11.58 0.79
C TRP A 7 -0.34 11.06 -0.58
N ILE A 8 0.86 10.50 -0.70
CA ILE A 8 1.33 9.94 -1.96
C ILE A 8 1.10 8.44 -1.99
N PRO A 9 0.77 7.88 -3.16
CA PRO A 9 0.51 6.45 -3.32
C PRO A 9 1.75 5.59 -3.12
N CYS A 10 1.54 4.31 -2.81
CA CYS A 10 2.62 3.38 -2.58
C CYS A 10 3.38 3.09 -3.88
N THR A 11 4.65 2.76 -3.75
CA THR A 11 5.48 2.46 -4.91
C THR A 11 6.34 1.21 -4.69
N VAL A 12 6.63 0.89 -3.44
CA VAL A 12 7.45 -0.27 -3.13
C VAL A 12 6.65 -1.57 -3.12
N THR A 13 5.64 -1.63 -2.28
CA THR A 13 4.81 -2.82 -2.16
C THR A 13 3.64 -2.78 -3.14
N ALA A 14 3.54 -1.68 -3.89
CA ALA A 14 2.47 -1.52 -4.87
C ALA A 14 2.62 -2.57 -5.97
N LEU A 15 3.85 -2.91 -6.30
CA LEU A 15 4.15 -3.90 -7.32
C LEU A 15 3.93 -5.31 -6.79
N LEU A 16 3.63 -5.41 -5.50
CA LEU A 16 3.39 -6.70 -4.86
C LEU A 16 1.89 -6.94 -4.71
N GLY A 17 1.09 -6.10 -5.35
CA GLY A 17 -0.34 -6.24 -5.29
C GLY A 17 -0.97 -5.37 -4.22
N CYS A 18 -0.17 -4.91 -3.27
CA CYS A 18 -0.65 -4.07 -2.19
C CYS A 18 -1.18 -2.76 -2.74
N SER A 19 -2.49 -2.59 -2.70
CA SER A 19 -3.12 -1.39 -3.22
C SER A 19 -3.58 -0.48 -2.07
N CYS A 20 -3.72 0.80 -2.37
CA CYS A 20 -4.13 1.78 -1.36
C CYS A 20 -5.55 1.52 -0.86
N SER A 21 -5.63 0.91 0.32
CA SER A 21 -6.91 0.61 0.94
C SER A 21 -7.20 1.62 2.05
N ASN A 22 -7.50 2.85 1.64
CA ASN A 22 -7.80 3.96 2.55
C ASN A 22 -6.55 4.47 3.27
N LYS A 23 -5.73 5.22 2.54
CA LYS A 23 -4.50 5.82 3.07
C LYS A 23 -3.42 4.82 3.47
N VAL A 24 -3.65 3.53 3.22
CA VAL A 24 -2.66 2.51 3.55
C VAL A 24 -2.79 1.34 2.59
N CYS A 25 -1.67 0.83 2.11
CA CYS A 25 -1.68 -0.27 1.16
C CYS A 25 -1.84 -1.61 1.86
N TYR A 26 -2.75 -2.43 1.34
CA TYR A 26 -3.00 -3.74 1.87
C TYR A 26 -3.17 -4.75 0.74
N ASN A 27 -3.07 -6.02 1.07
CA ASN A 27 -3.21 -7.10 0.10
C ASN A 27 -3.37 -8.44 0.83
N GLY A 28 -2.31 -9.24 0.84
CA GLY A 28 -2.38 -10.52 1.52
C GLY A 28 -1.77 -10.44 2.91
N ILE A 29 -0.99 -9.39 3.13
CA ILE A 29 -0.33 -9.16 4.41
C ILE A 29 -0.25 -7.66 4.67
N PRO A 30 0.02 -7.24 5.92
CA PRO A 30 0.12 -5.82 6.26
C PRO A 30 1.35 -5.17 5.64
N CYS A 1 1.13 -4.04 4.49
CA CYS A 1 2.38 -3.74 3.80
C CYS A 1 3.05 -2.53 4.41
N ALA A 2 4.38 -2.45 4.28
CA ALA A 2 5.15 -1.34 4.83
C ALA A 2 5.05 -0.10 3.94
N GLU A 3 3.83 0.29 3.60
CA GLU A 3 3.58 1.46 2.78
C GLU A 3 2.16 1.95 2.99
N SER A 4 2.04 3.17 3.46
CA SER A 4 0.74 3.77 3.71
C SER A 4 0.59 5.03 2.86
N CYS A 5 -0.43 5.05 2.01
CA CYS A 5 -0.68 6.19 1.15
C CYS A 5 -1.54 7.23 1.84
N VAL A 6 -1.07 7.69 2.99
CA VAL A 6 -1.78 8.71 3.75
C VAL A 6 -1.78 10.02 2.98
N TRP A 7 -0.71 10.24 2.23
CA TRP A 7 -0.56 11.43 1.40
C TRP A 7 -0.02 11.04 0.03
N ILE A 8 1.02 10.22 0.02
CA ILE A 8 1.63 9.77 -1.22
C ILE A 8 1.35 8.28 -1.43
N PRO A 9 0.91 7.88 -2.64
CA PRO A 9 0.60 6.48 -2.96
C PRO A 9 1.83 5.58 -2.92
N CYS A 10 1.61 4.31 -2.65
CA CYS A 10 2.70 3.33 -2.58
C CYS A 10 3.32 3.11 -3.95
N THR A 11 4.61 2.83 -3.96
CA THR A 11 5.34 2.59 -5.20
C THR A 11 6.25 1.37 -5.08
N VAL A 12 6.63 1.01 -3.85
CA VAL A 12 7.50 -0.12 -3.62
C VAL A 12 6.73 -1.44 -3.57
N THR A 13 5.76 -1.52 -2.67
CA THR A 13 4.98 -2.74 -2.51
C THR A 13 3.78 -2.75 -3.44
N ALA A 14 3.59 -1.65 -4.16
CA ALA A 14 2.48 -1.53 -5.10
C ALA A 14 2.58 -2.60 -6.18
N LEU A 15 3.80 -2.89 -6.60
CA LEU A 15 4.05 -3.90 -7.63
C LEU A 15 4.03 -5.30 -7.02
N LEU A 16 3.80 -5.38 -5.72
CA LEU A 16 3.74 -6.66 -5.03
C LEU A 16 2.31 -7.02 -4.68
N GLY A 17 1.37 -6.25 -5.21
CA GLY A 17 -0.03 -6.50 -4.96
C GLY A 17 -0.63 -5.55 -3.96
N CYS A 18 0.21 -4.94 -3.14
CA CYS A 18 -0.25 -4.01 -2.11
C CYS A 18 -0.89 -2.79 -2.77
N SER A 19 -2.20 -2.69 -2.66
CA SER A 19 -2.91 -1.57 -3.25
C SER A 19 -3.51 -0.68 -2.15
N CYS A 20 -3.63 0.60 -2.46
CA CYS A 20 -4.17 1.57 -1.51
C CYS A 20 -5.63 1.30 -1.21
N SER A 21 -5.91 0.84 0.00
CA SER A 21 -7.27 0.55 0.40
C SER A 21 -7.85 1.71 1.20
N ASN A 22 -7.24 1.99 2.35
CA ASN A 22 -7.69 3.08 3.20
C ASN A 22 -6.50 3.90 3.68
N LYS A 23 -5.86 4.60 2.74
CA LYS A 23 -4.68 5.42 3.02
C LYS A 23 -3.48 4.56 3.40
N VAL A 24 -3.59 3.27 3.10
CA VAL A 24 -2.53 2.31 3.35
C VAL A 24 -2.65 1.17 2.34
N CYS A 25 -1.53 0.57 1.98
CA CYS A 25 -1.54 -0.50 1.00
C CYS A 25 -1.69 -1.86 1.67
N TYR A 26 -2.64 -2.64 1.15
CA TYR A 26 -2.90 -3.97 1.68
C TYR A 26 -2.99 -4.98 0.55
N ASN A 27 -2.41 -6.15 0.77
CA ASN A 27 -2.42 -7.22 -0.22
C ASN A 27 -2.80 -8.53 0.47
N GLY A 28 -3.38 -8.38 1.64
CA GLY A 28 -3.77 -9.51 2.45
C GLY A 28 -3.22 -9.32 3.84
N ILE A 29 -2.06 -8.69 3.89
CA ILE A 29 -1.37 -8.38 5.13
C ILE A 29 -0.95 -6.91 5.08
N PRO A 30 -0.66 -6.30 6.24
CA PRO A 30 -0.26 -4.89 6.29
C PRO A 30 1.12 -4.65 5.67
N CYS A 1 1.17 -4.54 4.46
CA CYS A 1 2.38 -4.05 3.80
C CYS A 1 2.91 -2.82 4.54
N ALA A 2 4.22 -2.76 4.73
CA ALA A 2 4.84 -1.65 5.44
C ALA A 2 4.98 -0.42 4.52
N GLU A 3 3.85 0.00 3.95
CA GLU A 3 3.83 1.15 3.06
C GLU A 3 2.46 1.81 3.10
N SER A 4 2.38 2.95 3.77
CA SER A 4 1.15 3.70 3.85
C SER A 4 1.21 4.86 2.88
N CYS A 5 0.11 5.12 2.20
CA CYS A 5 0.07 6.19 1.22
C CYS A 5 -0.33 7.51 1.88
N VAL A 6 -1.54 7.53 2.44
CA VAL A 6 -2.10 8.70 3.11
C VAL A 6 -2.44 9.79 2.09
N TRP A 7 -1.43 10.24 1.38
CA TRP A 7 -1.58 11.26 0.36
C TRP A 7 -0.83 10.89 -0.90
N ILE A 8 0.30 10.20 -0.74
CA ILE A 8 1.11 9.78 -1.87
C ILE A 8 1.02 8.27 -2.08
N PRO A 9 0.61 7.83 -3.28
CA PRO A 9 0.48 6.40 -3.60
C PRO A 9 1.78 5.62 -3.41
N CYS A 10 1.65 4.41 -2.87
CA CYS A 10 2.79 3.54 -2.62
C CYS A 10 3.47 3.14 -3.93
N THR A 11 4.75 2.83 -3.86
CA THR A 11 5.51 2.44 -5.04
C THR A 11 6.40 1.22 -4.79
N VAL A 12 6.77 0.99 -3.53
CA VAL A 12 7.64 -0.13 -3.19
C VAL A 12 6.88 -1.45 -3.19
N THR A 13 5.89 -1.56 -2.32
CA THR A 13 5.10 -2.78 -2.21
C THR A 13 3.90 -2.75 -3.15
N ALA A 14 3.79 -1.67 -3.91
CA ALA A 14 2.69 -1.52 -4.86
C ALA A 14 2.77 -2.61 -5.93
N LEU A 15 3.99 -2.98 -6.28
CA LEU A 15 4.22 -4.02 -7.29
C LEU A 15 3.93 -5.40 -6.72
N LEU A 16 3.71 -5.46 -5.41
CA LEU A 16 3.41 -6.71 -4.73
C LEU A 16 1.90 -6.89 -4.61
N GLY A 17 1.15 -5.95 -5.18
CA GLY A 17 -0.29 -6.01 -5.12
C GLY A 17 -0.87 -5.09 -4.07
N CYS A 18 -0.02 -4.61 -3.17
CA CYS A 18 -0.45 -3.71 -2.10
C CYS A 18 -0.99 -2.41 -2.69
N SER A 19 -2.30 -2.27 -2.67
CA SER A 19 -2.95 -1.08 -3.19
C SER A 19 -3.49 -0.21 -2.06
N CYS A 20 -3.50 1.10 -2.28
CA CYS A 20 -3.97 2.04 -1.28
C CYS A 20 -5.44 1.81 -0.95
N SER A 21 -5.70 1.28 0.24
CA SER A 21 -7.05 1.02 0.68
C SER A 21 -7.47 2.04 1.74
N ASN A 22 -7.29 1.70 3.00
CA ASN A 22 -7.63 2.62 4.09
C ASN A 22 -6.45 3.54 4.39
N LYS A 23 -6.04 4.28 3.36
CA LYS A 23 -4.92 5.23 3.44
C LYS A 23 -3.57 4.51 3.52
N VAL A 24 -3.61 3.20 3.42
CA VAL A 24 -2.42 2.37 3.45
C VAL A 24 -2.57 1.26 2.41
N CYS A 25 -1.45 0.81 1.84
CA CYS A 25 -1.50 -0.22 0.81
C CYS A 25 -1.54 -1.61 1.42
N TYR A 26 -2.56 -2.38 1.03
CA TYR A 26 -2.72 -3.75 1.52
C TYR A 26 -2.92 -4.69 0.34
N ASN A 27 -2.50 -5.95 0.52
CA ASN A 27 -2.63 -6.96 -0.53
C ASN A 27 -3.03 -8.30 0.09
N GLY A 28 -3.48 -8.23 1.32
CA GLY A 28 -3.87 -9.41 2.06
C GLY A 28 -3.16 -9.40 3.40
N ILE A 29 -1.90 -9.01 3.35
CA ILE A 29 -1.10 -8.88 4.54
C ILE A 29 -0.78 -7.40 4.75
N PRO A 30 -0.40 -6.98 5.96
CA PRO A 30 -0.11 -5.59 6.23
C PRO A 30 1.23 -5.13 5.66
N CYS A 1 1.00 -3.81 4.44
CA CYS A 1 2.22 -3.38 3.77
C CYS A 1 2.81 -2.17 4.47
N ALA A 2 4.14 -2.03 4.40
CA ALA A 2 4.83 -0.93 5.05
C ALA A 2 4.48 0.41 4.42
N GLU A 3 4.25 0.40 3.12
CA GLU A 3 3.91 1.61 2.39
C GLU A 3 2.46 2.02 2.66
N SER A 4 2.24 3.31 2.86
CA SER A 4 0.92 3.85 3.13
C SER A 4 0.68 5.07 2.26
N CYS A 5 -0.42 5.06 1.51
CA CYS A 5 -0.78 6.16 0.62
C CYS A 5 -1.61 7.23 1.32
N VAL A 6 -1.30 7.49 2.58
CA VAL A 6 -2.01 8.52 3.34
C VAL A 6 -1.72 9.88 2.72
N TRP A 7 -0.53 10.00 2.17
CA TRP A 7 -0.08 11.23 1.52
C TRP A 7 0.51 10.89 0.15
N ILE A 8 1.41 9.92 0.13
CA ILE A 8 2.05 9.48 -1.10
C ILE A 8 1.71 8.02 -1.38
N PRO A 9 1.22 7.71 -2.59
CA PRO A 9 0.84 6.35 -2.97
C PRO A 9 2.02 5.37 -2.98
N CYS A 10 1.73 4.10 -2.71
CA CYS A 10 2.73 3.05 -2.68
C CYS A 10 3.44 2.94 -4.03
N THR A 11 4.76 2.84 -4.00
CA THR A 11 5.54 2.73 -5.23
C THR A 11 6.42 1.48 -5.23
N VAL A 12 6.99 1.14 -4.07
CA VAL A 12 7.86 -0.03 -4.00
C VAL A 12 7.08 -1.32 -3.69
N THR A 13 6.06 -1.23 -2.83
CA THR A 13 5.28 -2.40 -2.49
C THR A 13 4.07 -2.53 -3.42
N ALA A 14 3.88 -1.54 -4.27
CA ALA A 14 2.77 -1.54 -5.22
C ALA A 14 2.91 -2.70 -6.20
N LEU A 15 4.15 -3.07 -6.49
CA LEU A 15 4.44 -4.17 -7.40
C LEU A 15 4.11 -5.52 -6.76
N LEU A 16 3.86 -5.49 -5.46
CA LEU A 16 3.53 -6.71 -4.72
C LEU A 16 2.02 -6.84 -4.59
N GLY A 17 1.29 -5.98 -5.29
CA GLY A 17 -0.16 -6.01 -5.25
C GLY A 17 -0.73 -5.15 -4.14
N CYS A 18 0.16 -4.57 -3.33
CA CYS A 18 -0.25 -3.72 -2.23
C CYS A 18 -0.99 -2.49 -2.74
N SER A 19 -2.29 -2.43 -2.50
CA SER A 19 -3.11 -1.32 -2.92
C SER A 19 -3.69 -0.62 -1.70
N CYS A 20 -3.77 0.70 -1.75
CA CYS A 20 -4.30 1.48 -0.64
C CYS A 20 -5.81 1.31 -0.54
N SER A 21 -6.24 0.42 0.33
CA SER A 21 -7.66 0.15 0.53
C SER A 21 -8.28 1.20 1.46
N ASN A 22 -7.50 1.59 2.45
CA ASN A 22 -7.92 2.59 3.42
C ASN A 22 -6.71 3.40 3.85
N LYS A 23 -6.16 4.13 2.88
CA LYS A 23 -4.95 4.96 3.07
C LYS A 23 -3.71 4.09 3.02
N VAL A 24 -3.67 3.05 3.82
CA VAL A 24 -2.53 2.15 3.85
C VAL A 24 -2.72 1.03 2.83
N CYS A 25 -1.60 0.53 2.30
CA CYS A 25 -1.64 -0.53 1.31
C CYS A 25 -1.91 -1.88 1.96
N TYR A 26 -2.87 -2.61 1.41
CA TYR A 26 -3.23 -3.92 1.92
C TYR A 26 -3.47 -4.90 0.77
N ASN A 27 -2.62 -5.91 0.70
CA ASN A 27 -2.74 -6.93 -0.34
C ASN A 27 -3.04 -8.28 0.29
N GLY A 28 -3.51 -8.21 1.52
CA GLY A 28 -3.82 -9.40 2.29
C GLY A 28 -3.16 -9.29 3.63
N ILE A 29 -2.01 -8.63 3.62
CA ILE A 29 -1.23 -8.37 4.82
C ILE A 29 -0.90 -6.89 4.85
N PRO A 30 -0.62 -6.33 6.04
CA PRO A 30 -0.30 -4.91 6.17
C PRO A 30 1.04 -4.54 5.55
N CYS A 1 1.46 -4.60 4.35
CA CYS A 1 2.41 -3.85 3.53
C CYS A 1 2.81 -2.55 4.24
N ALA A 2 4.11 -2.31 4.34
CA ALA A 2 4.62 -1.12 5.00
C ALA A 2 4.53 0.10 4.08
N GLU A 3 3.33 0.39 3.61
CA GLU A 3 3.09 1.52 2.75
C GLU A 3 1.70 2.09 3.00
N SER A 4 1.65 3.36 3.38
CA SER A 4 0.40 4.02 3.65
C SER A 4 0.27 5.26 2.76
N CYS A 5 -0.79 5.33 1.98
CA CYS A 5 -1.00 6.46 1.08
C CYS A 5 -1.71 7.60 1.76
N VAL A 6 -1.10 8.09 2.84
CA VAL A 6 -1.64 9.24 3.56
C VAL A 6 -1.20 10.51 2.86
N TRP A 7 -0.04 10.41 2.22
CA TRP A 7 0.55 11.51 1.47
C TRP A 7 1.05 11.00 0.13
N ILE A 8 1.79 9.89 0.17
CA ILE A 8 2.33 9.28 -1.03
C ILE A 8 1.73 7.89 -1.24
N PRO A 9 1.29 7.58 -2.47
CA PRO A 9 0.68 6.28 -2.79
C PRO A 9 1.69 5.14 -2.83
N CYS A 10 1.19 3.92 -3.02
CA CYS A 10 2.04 2.74 -3.07
C CYS A 10 3.03 2.84 -4.23
N THR A 11 4.31 2.80 -3.89
CA THR A 11 5.36 2.89 -4.88
C THR A 11 6.29 1.68 -4.82
N VAL A 12 6.60 1.21 -3.61
CA VAL A 12 7.49 0.06 -3.47
C VAL A 12 6.74 -1.25 -3.30
N THR A 13 5.68 -1.25 -2.52
CA THR A 13 4.90 -2.46 -2.30
C THR A 13 3.77 -2.58 -3.33
N ALA A 14 3.72 -1.63 -4.26
CA ALA A 14 2.70 -1.63 -5.29
C ALA A 14 2.88 -2.85 -6.20
N LEU A 15 4.13 -3.23 -6.42
CA LEU A 15 4.45 -4.38 -7.26
C LEU A 15 4.07 -5.69 -6.57
N LEU A 16 3.77 -5.59 -5.28
CA LEU A 16 3.37 -6.76 -4.49
C LEU A 16 1.85 -6.91 -4.50
N GLY A 17 1.18 -6.03 -5.23
CA GLY A 17 -0.27 -6.08 -5.30
C GLY A 17 -0.94 -5.26 -4.22
N CYS A 18 -0.14 -4.74 -3.30
CA CYS A 18 -0.67 -3.93 -2.20
C CYS A 18 -1.30 -2.65 -2.73
N SER A 19 -2.61 -2.65 -2.86
CA SER A 19 -3.33 -1.50 -3.36
C SER A 19 -3.79 -0.62 -2.20
N CYS A 20 -4.00 0.66 -2.48
CA CYS A 20 -4.43 1.61 -1.45
C CYS A 20 -5.80 1.26 -0.91
N SER A 21 -5.82 0.57 0.23
CA SER A 21 -7.06 0.19 0.88
C SER A 21 -7.44 1.24 1.91
N ASN A 22 -7.69 2.45 1.43
CA ASN A 22 -8.07 3.59 2.26
C ASN A 22 -6.91 4.08 3.13
N LYS A 23 -6.14 5.02 2.59
CA LYS A 23 -5.00 5.64 3.30
C LYS A 23 -3.81 4.69 3.50
N VAL A 24 -3.98 3.41 3.22
CA VAL A 24 -2.86 2.47 3.39
C VAL A 24 -2.96 1.31 2.39
N CYS A 25 -1.81 0.93 1.84
CA CYS A 25 -1.75 -0.15 0.86
C CYS A 25 -1.75 -1.50 1.57
N TYR A 26 -2.68 -2.36 1.20
CA TYR A 26 -2.78 -3.67 1.80
C TYR A 26 -3.09 -4.73 0.75
N ASN A 27 -2.62 -5.94 1.02
CA ASN A 27 -2.84 -7.08 0.12
C ASN A 27 -2.60 -8.37 0.88
N GLY A 28 -3.48 -8.65 1.83
CA GLY A 28 -3.35 -9.84 2.64
C GLY A 28 -2.33 -9.64 3.75
N ILE A 29 -1.10 -9.36 3.36
CA ILE A 29 -0.03 -9.11 4.30
C ILE A 29 0.03 -7.63 4.64
N PRO A 30 0.59 -7.28 5.82
CA PRO A 30 0.71 -5.89 6.25
C PRO A 30 1.81 -5.14 5.51
N CYS A 1 0.85 -4.36 4.49
CA CYS A 1 2.11 -4.04 3.86
C CYS A 1 2.84 -2.93 4.61
N ALA A 2 4.17 -2.97 4.59
CA ALA A 2 4.98 -1.97 5.28
C ALA A 2 5.11 -0.68 4.47
N GLU A 3 3.99 -0.17 3.99
CA GLU A 3 3.96 1.06 3.22
C GLU A 3 2.58 1.71 3.34
N SER A 4 2.58 3.02 3.54
CA SER A 4 1.34 3.75 3.70
C SER A 4 1.35 4.96 2.78
N CYS A 5 0.24 5.18 2.10
CA CYS A 5 0.11 6.29 1.17
C CYS A 5 -0.42 7.54 1.86
N VAL A 6 -1.74 7.54 2.10
CA VAL A 6 -2.44 8.66 2.74
C VAL A 6 -2.54 9.85 1.79
N TRP A 7 -1.38 10.30 1.32
CA TRP A 7 -1.29 11.41 0.40
C TRP A 7 -0.73 10.94 -0.94
N ILE A 8 0.35 10.18 -0.88
CA ILE A 8 1.01 9.66 -2.07
C ILE A 8 0.98 8.13 -2.06
N PRO A 9 0.38 7.52 -3.09
CA PRO A 9 0.28 6.06 -3.21
C PRO A 9 1.63 5.36 -3.12
N CYS A 10 1.64 4.18 -2.51
CA CYS A 10 2.86 3.40 -2.35
C CYS A 10 3.51 3.11 -3.70
N THR A 11 4.82 2.98 -3.71
CA THR A 11 5.54 2.72 -4.94
C THR A 11 6.45 1.50 -4.82
N VAL A 12 6.80 1.13 -3.58
CA VAL A 12 7.67 -0.02 -3.36
C VAL A 12 6.89 -1.33 -3.42
N THR A 13 5.84 -1.43 -2.62
CA THR A 13 5.03 -2.64 -2.58
C THR A 13 3.90 -2.59 -3.61
N ALA A 14 3.88 -1.54 -4.41
CA ALA A 14 2.86 -1.38 -5.44
C ALA A 14 2.97 -2.51 -6.47
N LEU A 15 4.20 -2.90 -6.77
CA LEU A 15 4.46 -3.97 -7.72
C LEU A 15 4.21 -5.34 -7.09
N LEU A 16 3.95 -5.32 -5.79
CA LEU A 16 3.68 -6.55 -5.05
C LEU A 16 2.18 -6.80 -4.94
N GLY A 17 1.40 -5.79 -5.31
CA GLY A 17 -0.04 -5.91 -5.25
C GLY A 17 -0.65 -5.03 -4.17
N CYS A 18 0.18 -4.56 -3.26
CA CYS A 18 -0.27 -3.70 -2.17
C CYS A 18 -0.84 -2.39 -2.72
N SER A 19 -2.12 -2.15 -2.44
CA SER A 19 -2.78 -0.94 -2.92
C SER A 19 -3.39 -0.17 -1.75
N CYS A 20 -3.55 1.14 -1.93
CA CYS A 20 -4.13 2.00 -0.90
C CYS A 20 -5.61 1.73 -0.72
N SER A 21 -5.94 0.84 0.22
CA SER A 21 -7.32 0.49 0.49
C SER A 21 -7.91 1.39 1.58
N ASN A 22 -7.07 1.77 2.54
CA ASN A 22 -7.50 2.63 3.63
C ASN A 22 -6.34 3.49 4.08
N LYS A 23 -5.89 4.34 3.17
CA LYS A 23 -4.76 5.25 3.39
C LYS A 23 -3.44 4.48 3.24
N VAL A 24 -3.34 3.34 3.92
CA VAL A 24 -2.16 2.52 3.84
C VAL A 24 -2.35 1.46 2.75
N CYS A 25 -1.28 0.76 2.41
CA CYS A 25 -1.35 -0.27 1.39
C CYS A 25 -1.67 -1.63 1.98
N TYR A 26 -2.66 -2.30 1.40
CA TYR A 26 -3.06 -3.62 1.85
C TYR A 26 -3.03 -4.60 0.69
N ASN A 27 -2.75 -5.85 1.01
CA ASN A 27 -2.68 -6.92 0.01
C ASN A 27 -2.67 -8.25 0.74
N GLY A 28 -3.82 -8.64 1.27
CA GLY A 28 -3.91 -9.86 2.03
C GLY A 28 -3.46 -9.63 3.45
N ILE A 29 -2.25 -9.10 3.58
CA ILE A 29 -1.66 -8.78 4.86
C ILE A 29 -1.26 -7.31 4.88
N PRO A 30 -1.00 -6.73 6.06
CA PRO A 30 -0.61 -5.32 6.18
C PRO A 30 0.79 -5.06 5.62
N CYS A 1 0.86 -3.90 4.42
CA CYS A 1 2.09 -3.41 3.84
C CYS A 1 2.62 -2.22 4.63
N ALA A 2 3.92 -2.00 4.55
CA ALA A 2 4.57 -0.91 5.26
C ALA A 2 4.30 0.44 4.60
N GLU A 3 4.04 0.41 3.30
CA GLU A 3 3.76 1.64 2.57
C GLU A 3 2.31 2.05 2.76
N SER A 4 2.07 3.35 2.68
CA SER A 4 0.72 3.88 2.84
C SER A 4 0.54 5.13 1.98
N CYS A 5 -0.56 5.15 1.23
CA CYS A 5 -0.89 6.26 0.36
C CYS A 5 -1.72 7.31 1.10
N VAL A 6 -1.37 7.55 2.36
CA VAL A 6 -2.07 8.55 3.16
C VAL A 6 -1.83 9.94 2.57
N TRP A 7 -0.68 10.07 1.93
CA TRP A 7 -0.27 11.32 1.30
C TRP A 7 0.31 11.02 -0.09
N ILE A 8 1.16 10.00 -0.16
CA ILE A 8 1.78 9.59 -1.40
C ILE A 8 1.55 8.10 -1.64
N PRO A 9 1.10 7.72 -2.84
CA PRO A 9 0.82 6.33 -3.19
C PRO A 9 2.04 5.42 -3.08
N CYS A 10 1.80 4.17 -2.74
CA CYS A 10 2.87 3.18 -2.60
C CYS A 10 3.59 2.97 -3.93
N THR A 11 4.90 2.77 -3.87
CA THR A 11 5.69 2.56 -5.07
C THR A 11 6.50 1.27 -4.98
N VAL A 12 6.95 0.93 -3.78
CA VAL A 12 7.76 -0.27 -3.57
C VAL A 12 6.89 -1.52 -3.40
N THR A 13 5.86 -1.42 -2.58
CA THR A 13 4.98 -2.55 -2.34
C THR A 13 3.83 -2.59 -3.34
N ALA A 14 3.72 -1.55 -4.15
CA ALA A 14 2.68 -1.47 -5.16
C ALA A 14 2.89 -2.56 -6.20
N LEU A 15 4.15 -2.87 -6.48
CA LEU A 15 4.51 -3.89 -7.45
C LEU A 15 4.24 -5.28 -6.88
N LEU A 16 3.98 -5.34 -5.57
CA LEU A 16 3.70 -6.59 -4.90
C LEU A 16 2.20 -6.84 -4.83
N GLY A 17 1.43 -5.88 -5.32
CA GLY A 17 -0.02 -6.01 -5.32
C GLY A 17 -0.68 -5.18 -4.25
N CYS A 18 0.10 -4.69 -3.30
CA CYS A 18 -0.44 -3.87 -2.21
C CYS A 18 -1.06 -2.59 -2.76
N SER A 19 -2.36 -2.45 -2.60
CA SER A 19 -3.07 -1.27 -3.07
C SER A 19 -3.53 -0.42 -1.90
N CYS A 20 -3.75 0.87 -2.15
CA CYS A 20 -4.18 1.80 -1.12
C CYS A 20 -5.59 1.47 -0.60
N SER A 21 -5.64 0.83 0.55
CA SER A 21 -6.89 0.46 1.18
C SER A 21 -6.95 1.10 2.56
N ASN A 22 -7.81 2.11 2.70
CA ASN A 22 -7.95 2.84 3.96
C ASN A 22 -6.66 3.58 4.28
N LYS A 23 -6.13 4.25 3.26
CA LYS A 23 -4.89 5.04 3.34
C LYS A 23 -3.65 4.18 3.18
N VAL A 24 -3.54 3.09 3.94
CA VAL A 24 -2.37 2.24 3.85
C VAL A 24 -2.52 1.18 2.76
N CYS A 25 -1.42 0.58 2.37
CA CYS A 25 -1.45 -0.43 1.32
C CYS A 25 -1.77 -1.80 1.89
N TYR A 26 -2.74 -2.47 1.28
CA TYR A 26 -3.15 -3.79 1.73
C TYR A 26 -3.15 -4.77 0.56
N ASN A 27 -2.91 -6.04 0.89
CA ASN A 27 -2.89 -7.13 -0.08
C ASN A 27 -2.73 -8.43 0.67
N GLY A 28 -3.79 -8.83 1.37
CA GLY A 28 -3.74 -10.03 2.18
C GLY A 28 -3.10 -9.74 3.52
N ILE A 29 -1.92 -9.15 3.46
CA ILE A 29 -1.17 -8.77 4.65
C ILE A 29 -0.96 -7.26 4.65
N PRO A 30 -0.72 -6.66 5.83
CA PRO A 30 -0.50 -5.22 5.94
C PRO A 30 0.85 -4.79 5.41
N CYS A 1 0.75 -4.27 4.70
CA CYS A 1 2.00 -3.93 4.05
C CYS A 1 2.72 -2.83 4.82
N ALA A 2 4.04 -2.87 4.82
CA ALA A 2 4.84 -1.88 5.52
C ALA A 2 4.94 -0.57 4.74
N GLU A 3 3.79 -0.05 4.34
CA GLU A 3 3.70 1.19 3.60
C GLU A 3 2.30 1.76 3.76
N SER A 4 2.18 3.07 3.74
CA SER A 4 0.89 3.72 3.89
C SER A 4 0.81 4.94 2.98
N CYS A 5 -0.18 4.95 2.10
CA CYS A 5 -0.35 6.05 1.17
C CYS A 5 -1.19 7.16 1.79
N VAL A 6 -0.71 7.71 2.89
CA VAL A 6 -1.38 8.78 3.59
C VAL A 6 -1.40 10.03 2.70
N TRP A 7 -0.27 10.26 2.05
CA TRP A 7 -0.12 11.39 1.15
C TRP A 7 0.29 10.89 -0.24
N ILE A 8 1.40 10.16 -0.28
CA ILE A 8 1.91 9.60 -1.52
C ILE A 8 1.44 8.15 -1.66
N PRO A 9 0.90 7.78 -2.84
CA PRO A 9 0.41 6.41 -3.08
C PRO A 9 1.55 5.39 -3.09
N CYS A 10 1.28 4.20 -2.56
CA CYS A 10 2.28 3.13 -2.52
C CYS A 10 2.77 2.81 -3.93
N THR A 11 3.99 3.20 -4.24
CA THR A 11 4.55 2.97 -5.56
C THR A 11 5.54 1.79 -5.53
N VAL A 12 6.35 1.74 -4.48
CA VAL A 12 7.32 0.66 -4.33
C VAL A 12 6.62 -0.65 -3.97
N THR A 13 5.52 -0.54 -3.25
CA THR A 13 4.76 -1.70 -2.83
C THR A 13 3.70 -2.09 -3.86
N ALA A 14 3.61 -1.31 -4.93
CA ALA A 14 2.64 -1.57 -5.99
C ALA A 14 2.98 -2.87 -6.72
N LEU A 15 4.27 -3.11 -6.91
CA LEU A 15 4.73 -4.32 -7.58
C LEU A 15 4.46 -5.56 -6.73
N LEU A 16 4.20 -5.33 -5.46
CA LEU A 16 3.91 -6.42 -4.53
C LEU A 16 2.41 -6.70 -4.48
N GLY A 17 1.64 -5.85 -5.17
CA GLY A 17 0.21 -6.02 -5.19
C GLY A 17 -0.47 -5.29 -4.05
N CYS A 18 0.31 -4.60 -3.23
CA CYS A 18 -0.22 -3.87 -2.10
C CYS A 18 -0.96 -2.62 -2.56
N SER A 19 -2.25 -2.78 -2.83
CA SER A 19 -3.08 -1.68 -3.30
C SER A 19 -3.54 -0.81 -2.13
N CYS A 20 -3.81 0.46 -2.41
CA CYS A 20 -4.27 1.40 -1.39
C CYS A 20 -5.74 1.16 -1.06
N SER A 21 -6.00 0.59 0.10
CA SER A 21 -7.36 0.34 0.53
C SER A 21 -7.96 1.61 1.12
N ASN A 22 -7.21 2.26 2.00
CA ASN A 22 -7.64 3.50 2.63
C ASN A 22 -6.46 4.18 3.32
N LYS A 23 -5.70 4.94 2.53
CA LYS A 23 -4.51 5.67 3.02
C LYS A 23 -3.39 4.73 3.42
N VAL A 24 -3.57 3.43 3.16
CA VAL A 24 -2.57 2.42 3.46
C VAL A 24 -2.72 1.26 2.49
N CYS A 25 -1.59 0.61 2.17
CA CYS A 25 -1.58 -0.50 1.24
C CYS A 25 -1.85 -1.82 1.94
N TYR A 26 -2.71 -2.64 1.36
CA TYR A 26 -3.05 -3.93 1.94
C TYR A 26 -3.09 -5.03 0.88
N ASN A 27 -2.32 -6.07 1.09
CA ASN A 27 -2.27 -7.21 0.18
C ASN A 27 -2.25 -8.48 1.01
N GLY A 28 -3.42 -8.91 1.44
CA GLY A 28 -3.53 -10.08 2.28
C GLY A 28 -3.17 -9.76 3.73
N ILE A 29 -1.99 -9.19 3.89
CA ILE A 29 -1.49 -8.78 5.19
C ILE A 29 -1.15 -7.29 5.17
N PRO A 30 -1.00 -6.66 6.34
CA PRO A 30 -0.65 -5.24 6.43
C PRO A 30 0.72 -4.95 5.84
N CYS A 1 0.75 -5.04 4.56
CA CYS A 1 1.96 -4.43 4.03
C CYS A 1 2.40 -3.25 4.90
N ALA A 2 3.67 -3.24 5.29
CA ALA A 2 4.20 -2.17 6.13
C ALA A 2 4.48 -0.90 5.31
N GLU A 3 3.45 -0.40 4.66
CA GLU A 3 3.55 0.80 3.84
C GLU A 3 2.22 1.52 3.84
N SER A 4 2.25 2.82 3.59
CA SER A 4 1.04 3.61 3.56
C SER A 4 1.22 4.79 2.60
N CYS A 5 0.15 5.14 1.90
CA CYS A 5 0.20 6.23 0.94
C CYS A 5 -0.12 7.56 1.61
N VAL A 6 -1.38 7.71 2.02
CA VAL A 6 -1.88 8.91 2.68
C VAL A 6 -1.97 10.09 1.70
N TRP A 7 -0.85 10.40 1.09
CA TRP A 7 -0.77 11.50 0.13
C TRP A 7 -0.35 10.99 -1.25
N ILE A 8 0.64 10.11 -1.28
CA ILE A 8 1.14 9.56 -2.53
C ILE A 8 0.89 8.06 -2.59
N PRO A 9 0.16 7.58 -3.61
CA PRO A 9 -0.16 6.16 -3.79
C PRO A 9 1.07 5.26 -3.72
N CYS A 10 0.91 4.09 -3.10
CA CYS A 10 1.98 3.12 -2.95
C CYS A 10 2.73 2.89 -4.26
N THR A 11 3.97 3.33 -4.32
CA THR A 11 4.78 3.18 -5.52
C THR A 11 5.80 2.07 -5.36
N VAL A 12 6.42 1.98 -4.20
CA VAL A 12 7.42 0.95 -3.94
C VAL A 12 6.77 -0.39 -3.61
N THR A 13 5.52 -0.34 -3.19
CA THR A 13 4.78 -1.55 -2.84
C THR A 13 4.08 -2.13 -4.06
N ALA A 14 4.38 -1.57 -5.23
CA ALA A 14 3.79 -2.05 -6.47
C ALA A 14 4.23 -3.47 -6.76
N LEU A 15 5.41 -3.82 -6.28
CA LEU A 15 5.96 -5.16 -6.47
C LEU A 15 5.21 -6.16 -5.59
N LEU A 16 4.46 -5.64 -4.63
CA LEU A 16 3.70 -6.48 -3.72
C LEU A 16 2.21 -6.41 -4.08
N GLY A 17 1.86 -5.43 -4.91
CA GLY A 17 0.48 -5.26 -5.33
C GLY A 17 -0.39 -4.70 -4.23
N CYS A 18 0.23 -4.09 -3.22
CA CYS A 18 -0.52 -3.51 -2.11
C CYS A 18 -1.18 -2.20 -2.50
N SER A 19 -2.49 -2.25 -2.65
CA SER A 19 -3.27 -1.08 -3.03
C SER A 19 -3.57 -0.18 -1.82
N CYS A 20 -3.92 1.07 -2.08
CA CYS A 20 -4.21 2.02 -1.02
C CYS A 20 -5.56 1.70 -0.38
N SER A 21 -5.51 1.09 0.78
CA SER A 21 -6.71 0.73 1.53
C SER A 21 -6.64 1.33 2.93
N ASN A 22 -7.51 2.32 3.19
CA ASN A 22 -7.54 3.02 4.48
C ASN A 22 -6.24 3.77 4.72
N LYS A 23 -5.84 4.55 3.71
CA LYS A 23 -4.62 5.36 3.75
C LYS A 23 -3.34 4.53 3.59
N VAL A 24 -3.35 3.31 4.12
CA VAL A 24 -2.17 2.45 4.04
C VAL A 24 -2.28 1.50 2.85
N CYS A 25 -1.23 0.74 2.60
CA CYS A 25 -1.22 -0.20 1.50
C CYS A 25 -1.53 -1.61 2.00
N TYR A 26 -2.55 -2.23 1.40
CA TYR A 26 -2.97 -3.56 1.79
C TYR A 26 -3.19 -4.43 0.57
N ASN A 27 -2.86 -5.72 0.70
CA ASN A 27 -3.04 -6.69 -0.37
C ASN A 27 -3.04 -8.09 0.23
N GLY A 28 -4.12 -8.44 0.90
CA GLY A 28 -4.21 -9.73 1.55
C GLY A 28 -3.46 -9.72 2.86
N ILE A 29 -2.18 -9.44 2.79
CA ILE A 29 -1.33 -9.36 3.97
C ILE A 29 -1.14 -7.91 4.37
N PRO A 30 -0.79 -7.65 5.65
CA PRO A 30 -0.58 -6.30 6.15
C PRO A 30 0.76 -5.72 5.70
#